data_1TJ3
#
_entry.id   1TJ3
#
_cell.length_a   68.750
_cell.length_b   68.750
_cell.length_c   268.750
_cell.angle_alpha   90.00
_cell.angle_beta   90.00
_cell.angle_gamma   120.00
#
_symmetry.space_group_name_H-M   'P 65 2 2'
#
loop_
_entity.id
_entity.type
_entity.pdbx_description
1 polymer Sucrose-Phosphatase
2 non-polymer 'MAGNESIUM ION'
3 water water
#
_entity_poly.entity_id   1
_entity_poly.type   'polypeptide(L)'
_entity_poly.pdbx_seq_one_letter_code
;MRQLLLISDLDNTWVGDQQALEHLQEYLGDRRGNFYLAYATGRSYHSARELQKQVGLMEPDYWLTAVGSEIYHPEGLDQH
WADYLSEHWQRDILQAIADGFEALKPQSPLEQNPWKISYHLDPQACPTVIDQLTEMLKETGIPVQVIFSSGKDVDLLPQR
SNKGNATQYLQQHLAMEPSQTLVCGDSGNDIGLFETSARGVIVRNAQPELLHWYDQWGDSRHYRAQSSHAGAILEAIAHF
DFLS
;
_entity_poly.pdbx_strand_id   A
#
loop_
_chem_comp.id
_chem_comp.type
_chem_comp.name
_chem_comp.formula
MG non-polymer 'MAGNESIUM ION' 'Mg 2'
#
# COMPACT_ATOMS: atom_id res chain seq x y z
N MET A 1 17.94 3.40 13.24
CA MET A 1 18.39 3.35 14.66
C MET A 1 17.24 3.18 15.63
N ARG A 2 16.00 3.27 15.14
CA ARG A 2 14.86 3.10 16.01
C ARG A 2 14.52 1.62 15.99
N GLN A 3 13.75 1.18 16.99
CA GLN A 3 13.39 -0.23 17.10
C GLN A 3 12.24 -0.74 16.22
N LEU A 4 11.43 0.15 15.68
CA LEU A 4 10.32 -0.27 14.84
C LEU A 4 10.07 0.62 13.62
N LEU A 5 9.81 -0.03 12.49
CA LEU A 5 9.50 0.66 11.25
C LEU A 5 8.04 0.28 11.00
N LEU A 6 7.13 1.18 11.36
CA LEU A 6 5.70 0.94 11.22
C LEU A 6 5.19 1.46 9.88
N ILE A 7 4.70 0.56 9.05
CA ILE A 7 4.15 0.95 7.74
C ILE A 7 2.71 0.50 7.68
N SER A 8 1.81 1.42 7.34
CA SER A 8 0.40 1.09 7.30
C SER A 8 -0.37 1.85 6.22
N ASP A 9 -1.41 1.19 5.73
CA ASP A 9 -2.28 1.78 4.73
C ASP A 9 -3.21 2.68 5.56
N LEU A 10 -3.82 3.66 4.91
CA LEU A 10 -4.69 4.58 5.64
C LEU A 10 -6.16 4.19 5.65
N ASP A 11 -6.80 4.26 4.50
CA ASP A 11 -8.22 3.92 4.42
C ASP A 11 -8.49 2.48 4.84
N ASN A 12 -9.48 2.30 5.71
CA ASN A 12 -9.90 1.00 6.22
C ASN A 12 -8.86 0.24 7.02
N THR A 13 -7.71 0.87 7.25
CA THR A 13 -6.66 0.24 8.04
C THR A 13 -6.41 1.13 9.24
N TRP A 14 -5.68 2.22 9.04
CA TRP A 14 -5.38 3.14 10.13
C TRP A 14 -6.63 3.99 10.39
N VAL A 15 -7.24 4.46 9.31
CA VAL A 15 -8.43 5.28 9.38
C VAL A 15 -9.67 4.41 9.16
N GLY A 16 -10.79 4.83 9.75
CA GLY A 16 -12.02 4.07 9.60
C GLY A 16 -12.76 4.00 10.92
N ASP A 17 -12.02 3.71 11.99
CA ASP A 17 -12.59 3.64 13.33
C ASP A 17 -11.92 4.77 14.09
N GLN A 18 -12.59 5.92 14.18
CA GLN A 18 -12.04 7.09 14.83
C GLN A 18 -11.55 6.86 16.25
N GLN A 19 -12.30 6.10 17.04
CA GLN A 19 -11.89 5.85 18.42
C GLN A 19 -10.61 5.03 18.46
N ALA A 20 -10.52 4.02 17.60
CA ALA A 20 -9.34 3.17 17.56
C ALA A 20 -8.15 3.94 16.97
N LEU A 21 -8.44 4.88 16.07
CA LEU A 21 -7.37 5.65 15.48
C LEU A 21 -6.78 6.50 16.59
N GLU A 22 -7.65 7.01 17.43
CA GLU A 22 -7.22 7.85 18.53
C GLU A 22 -6.45 7.15 19.63
N HIS A 23 -6.87 5.97 20.05
CA HIS A 23 -6.09 5.33 21.10
C HIS A 23 -4.82 4.70 20.55
N LEU A 24 -4.79 4.45 19.25
CA LEU A 24 -3.57 3.92 18.63
C LEU A 24 -2.57 5.08 18.61
N GLN A 25 -3.05 6.27 18.26
CA GLN A 25 -2.19 7.43 18.20
C GLN A 25 -1.76 7.93 19.58
N GLU A 26 -2.61 7.80 20.58
CA GLU A 26 -2.20 8.24 21.91
C GLU A 26 -1.06 7.33 22.39
N TYR A 27 -1.19 6.04 22.14
CA TYR A 27 -0.16 5.08 22.53
C TYR A 27 1.17 5.43 21.87
N LEU A 28 1.20 5.41 20.54
CA LEU A 28 2.42 5.72 19.81
C LEU A 28 2.94 7.11 20.18
N GLY A 29 2.03 8.00 20.56
CA GLY A 29 2.42 9.35 20.93
C GLY A 29 3.36 9.44 22.12
N ASP A 30 3.27 8.49 23.04
CA ASP A 30 4.14 8.50 24.22
C ASP A 30 5.46 7.74 24.04
N ARG A 31 5.73 7.32 22.81
CA ARG A 31 6.94 6.58 22.49
C ARG A 31 7.32 6.93 21.06
N ARG A 32 6.99 8.16 20.68
CA ARG A 32 7.21 8.69 19.34
C ARG A 32 8.61 8.53 18.75
N GLY A 33 9.63 8.62 19.60
CA GLY A 33 11.00 8.51 19.11
C GLY A 33 11.49 7.09 18.93
N ASN A 34 10.64 6.10 19.18
CA ASN A 34 11.05 4.71 19.06
C ASN A 34 10.65 4.03 17.76
N PHE A 35 10.02 4.76 16.85
CA PHE A 35 9.64 4.14 15.61
C PHE A 35 9.56 5.14 14.47
N TYR A 36 9.85 4.65 13.27
CA TYR A 36 9.77 5.45 12.06
C TYR A 36 8.36 5.13 11.55
N LEU A 37 7.60 6.15 11.17
CA LEU A 37 6.25 5.91 10.69
C LEU A 37 6.15 6.22 9.21
N ALA A 38 5.49 5.32 8.48
CA ALA A 38 5.30 5.49 7.06
C ALA A 38 3.88 5.08 6.67
N TYR A 39 3.21 5.94 5.91
CA TYR A 39 1.86 5.65 5.43
C TYR A 39 2.01 5.21 3.98
N ALA A 40 1.59 3.98 3.69
CA ALA A 40 1.62 3.44 2.32
C ALA A 40 0.17 3.41 1.86
N THR A 41 -0.24 4.48 1.17
CA THR A 41 -1.60 4.61 0.70
C THR A 41 -1.72 4.57 -0.81
N GLY A 42 -2.93 4.31 -1.28
CA GLY A 42 -3.18 4.27 -2.71
C GLY A 42 -3.60 5.66 -3.17
N ARG A 43 -3.61 6.61 -2.23
CA ARG A 43 -3.97 7.99 -2.52
C ARG A 43 -2.77 8.79 -3.00
N SER A 44 -3.04 9.94 -3.61
CA SER A 44 -1.99 10.81 -4.09
C SER A 44 -1.46 11.46 -2.83
N TYR A 45 -0.34 12.16 -2.93
CA TYR A 45 0.21 12.82 -1.75
C TYR A 45 -0.78 13.87 -1.26
N HIS A 46 -1.34 14.66 -2.18
CA HIS A 46 -2.29 15.69 -1.79
C HIS A 46 -3.54 15.10 -1.18
N SER A 47 -4.04 14.01 -1.78
CA SER A 47 -5.24 13.36 -1.25
C SER A 47 -4.97 12.89 0.18
N ALA A 48 -3.77 12.38 0.42
CA ALA A 48 -3.39 11.91 1.74
C ALA A 48 -3.32 13.05 2.77
N ARG A 49 -2.74 14.19 2.39
CA ARG A 49 -2.65 15.32 3.30
C ARG A 49 -4.07 15.75 3.69
N GLU A 50 -4.96 15.77 2.71
CA GLU A 50 -6.35 16.15 2.96
C GLU A 50 -6.91 15.26 4.06
N LEU A 51 -6.84 13.93 3.84
CA LEU A 51 -7.34 12.98 4.82
C LEU A 51 -6.73 13.27 6.19
N GLN A 52 -5.44 13.56 6.22
CA GLN A 52 -4.78 13.85 7.49
C GLN A 52 -5.52 14.94 8.24
N LYS A 53 -6.02 15.93 7.49
CA LYS A 53 -6.74 17.03 8.09
C LYS A 53 -8.08 16.53 8.60
N GLN A 54 -8.78 15.75 7.80
CA GLN A 54 -10.08 15.22 8.18
C GLN A 54 -10.10 14.46 9.51
N VAL A 55 -9.26 13.43 9.61
CA VAL A 55 -9.22 12.59 10.81
C VAL A 55 -8.14 12.93 11.84
N GLY A 56 -7.22 13.82 11.47
CA GLY A 56 -6.15 14.18 12.38
C GLY A 56 -5.11 13.09 12.52
N LEU A 57 -4.56 12.66 11.38
CA LEU A 57 -3.52 11.63 11.35
C LEU A 57 -2.24 12.20 11.92
N MET A 58 -1.51 11.40 12.69
CA MET A 58 -0.26 11.91 13.23
C MET A 58 0.77 12.00 12.13
N GLU A 59 1.59 13.05 12.19
CA GLU A 59 2.62 13.28 11.18
C GLU A 59 3.60 12.11 11.10
N PRO A 60 3.71 11.48 9.90
CA PRO A 60 4.60 10.35 9.65
C PRO A 60 5.96 10.81 9.18
N ASP A 61 6.94 9.91 9.21
CA ASP A 61 8.29 10.21 8.76
C ASP A 61 8.35 10.13 7.24
N TYR A 62 7.48 9.33 6.64
CA TYR A 62 7.46 9.18 5.19
C TYR A 62 6.06 8.94 4.67
N TRP A 63 5.88 9.16 3.37
CA TRP A 63 4.62 8.94 2.71
C TRP A 63 4.88 8.09 1.49
N LEU A 64 4.40 6.85 1.51
CA LEU A 64 4.56 5.97 0.37
C LEU A 64 3.18 6.04 -0.26
N THR A 65 3.01 7.04 -1.13
CA THR A 65 1.74 7.31 -1.77
C THR A 65 1.53 6.62 -3.11
N ALA A 66 0.30 6.71 -3.60
CA ALA A 66 -0.09 6.13 -4.87
C ALA A 66 0.38 4.70 -5.05
N VAL A 67 0.20 3.89 -4.02
CA VAL A 67 0.59 2.48 -4.09
C VAL A 67 2.11 2.29 -4.27
N GLY A 68 2.88 3.21 -3.70
CA GLY A 68 4.32 3.15 -3.82
C GLY A 68 4.86 3.84 -5.05
N SER A 69 3.96 4.49 -5.80
CA SER A 69 4.37 5.20 -7.00
C SER A 69 5.31 6.34 -6.70
N GLU A 70 5.02 7.06 -5.62
CA GLU A 70 5.85 8.19 -5.22
C GLU A 70 6.17 8.14 -3.73
N ILE A 71 7.41 8.45 -3.40
CA ILE A 71 7.88 8.44 -2.02
C ILE A 71 8.25 9.86 -1.61
N TYR A 72 7.63 10.36 -0.53
CA TYR A 72 7.93 11.70 -0.07
C TYR A 72 8.70 11.68 1.22
N HIS A 73 9.90 12.26 1.17
CA HIS A 73 10.76 12.37 2.34
C HIS A 73 10.31 13.67 2.99
N PRO A 74 10.83 13.99 4.19
CA PRO A 74 10.42 15.25 4.82
C PRO A 74 10.78 16.46 3.94
N GLU A 75 11.90 16.35 3.22
CA GLU A 75 12.36 17.42 2.35
C GLU A 75 11.75 17.40 0.95
N GLY A 76 10.88 16.44 0.67
CA GLY A 76 10.26 16.38 -0.65
C GLY A 76 10.29 15.05 -1.39
N LEU A 77 9.72 15.03 -2.59
CA LEU A 77 9.67 13.82 -3.41
C LEU A 77 11.05 13.19 -3.64
N ASP A 78 11.11 11.87 -3.54
CA ASP A 78 12.37 11.17 -3.77
C ASP A 78 12.54 11.04 -5.27
N GLN A 79 13.49 11.79 -5.82
CA GLN A 79 13.77 11.77 -7.25
C GLN A 79 14.53 10.52 -7.68
N HIS A 80 15.21 9.88 -6.75
CA HIS A 80 15.94 8.67 -7.10
C HIS A 80 14.92 7.59 -7.45
N TRP A 81 13.97 7.38 -6.53
CA TRP A 81 12.91 6.40 -6.69
C TRP A 81 12.17 6.59 -8.02
N ALA A 82 11.88 7.84 -8.34
CA ALA A 82 11.17 8.17 -9.58
C ALA A 82 11.99 7.80 -10.83
N ASP A 83 13.29 8.04 -10.79
CA ASP A 83 14.12 7.71 -11.95
C ASP A 83 14.29 6.21 -12.01
N TYR A 84 14.15 5.57 -10.85
CA TYR A 84 14.28 4.12 -10.76
C TYR A 84 13.06 3.43 -11.38
N LEU A 85 11.88 3.96 -11.07
CA LEU A 85 10.65 3.38 -11.60
C LEU A 85 10.44 3.77 -13.06
N SER A 86 11.10 4.82 -13.52
CA SER A 86 10.95 5.27 -14.90
C SER A 86 11.65 4.41 -15.94
N GLU A 87 12.65 3.65 -15.52
CA GLU A 87 13.37 2.78 -16.45
C GLU A 87 12.51 1.71 -17.11
N HIS A 88 12.51 1.68 -18.44
CA HIS A 88 11.76 0.69 -19.18
C HIS A 88 10.26 0.82 -19.04
N TRP A 89 9.82 1.85 -18.34
CA TRP A 89 8.38 2.05 -18.15
C TRP A 89 7.81 2.84 -19.31
N GLN A 90 6.80 2.30 -19.96
CA GLN A 90 6.19 2.99 -21.06
C GLN A 90 4.69 3.07 -20.89
N ARG A 91 4.30 4.07 -20.12
CA ARG A 91 2.93 4.34 -19.75
C ARG A 91 1.97 4.39 -20.94
N ASP A 92 2.30 5.19 -21.96
CA ASP A 92 1.41 5.33 -23.11
C ASP A 92 0.96 4.03 -23.77
N ILE A 93 1.87 3.07 -23.89
CA ILE A 93 1.53 1.78 -24.50
C ILE A 93 0.60 0.99 -23.57
N LEU A 94 0.97 0.93 -22.30
CA LEU A 94 0.16 0.21 -21.33
C LEU A 94 -1.25 0.79 -21.27
N GLN A 95 -1.35 2.12 -21.39
CA GLN A 95 -2.64 2.80 -21.34
C GLN A 95 -3.46 2.50 -22.57
N ALA A 96 -2.80 2.47 -23.73
CA ALA A 96 -3.48 2.18 -24.97
C ALA A 96 -4.16 0.81 -24.87
N ILE A 97 -3.43 -0.18 -24.35
CA ILE A 97 -3.96 -1.52 -24.19
C ILE A 97 -5.10 -1.54 -23.17
N ALA A 98 -4.84 -0.97 -22.00
CA ALA A 98 -5.84 -0.94 -20.93
C ALA A 98 -7.12 -0.23 -21.37
N ASP A 99 -6.96 0.93 -22.00
CA ASP A 99 -8.11 1.71 -22.47
C ASP A 99 -9.01 0.92 -23.42
N GLY A 100 -8.47 -0.13 -24.02
CA GLY A 100 -9.25 -0.92 -24.96
C GLY A 100 -10.31 -1.83 -24.37
N PHE A 101 -10.23 -2.08 -23.06
CA PHE A 101 -11.20 -2.94 -22.40
C PHE A 101 -12.47 -2.15 -22.10
N GLU A 102 -13.58 -2.58 -22.67
CA GLU A 102 -14.86 -1.91 -22.47
C GLU A 102 -15.25 -1.93 -21.00
N ALA A 103 -14.85 -2.98 -20.29
CA ALA A 103 -15.19 -3.15 -18.88
C ALA A 103 -14.39 -2.25 -17.96
N LEU A 104 -13.40 -1.58 -18.51
CA LEU A 104 -12.56 -0.69 -17.72
C LEU A 104 -12.81 0.77 -18.01
N LYS A 105 -13.14 1.52 -16.98
CA LYS A 105 -13.35 2.95 -17.14
C LYS A 105 -12.23 3.62 -16.36
N PRO A 106 -11.57 4.62 -16.96
CA PRO A 106 -10.46 5.33 -16.31
C PRO A 106 -10.90 6.02 -15.03
N GLN A 107 -10.03 6.05 -14.03
CA GLN A 107 -10.37 6.74 -12.80
C GLN A 107 -10.07 8.21 -13.06
N SER A 108 -10.42 9.06 -12.09
CA SER A 108 -10.19 10.49 -12.20
C SER A 108 -8.76 10.79 -12.62
N PRO A 109 -8.58 11.86 -13.42
CA PRO A 109 -7.22 12.21 -13.86
C PRO A 109 -6.30 12.42 -12.66
N LEU A 110 -6.86 12.93 -11.56
CA LEU A 110 -6.06 13.17 -10.37
C LEU A 110 -5.63 11.90 -9.63
N GLU A 111 -6.06 10.75 -10.12
CA GLU A 111 -5.69 9.46 -9.53
C GLU A 111 -4.53 8.90 -10.32
N GLN A 112 -4.15 9.62 -11.38
CA GLN A 112 -3.07 9.19 -12.24
C GLN A 112 -1.78 9.93 -11.92
N ASN A 113 -0.68 9.37 -12.38
CA ASN A 113 0.64 9.96 -12.23
C ASN A 113 1.52 9.24 -13.24
N PRO A 114 2.71 9.79 -13.53
CA PRO A 114 3.64 9.19 -14.49
C PRO A 114 3.86 7.68 -14.37
N TRP A 115 3.68 7.15 -13.18
CA TRP A 115 3.91 5.73 -12.95
C TRP A 115 2.69 4.96 -12.46
N LYS A 116 1.50 5.53 -12.63
CA LYS A 116 0.30 4.86 -12.17
C LYS A 116 -0.88 5.11 -13.10
N ILE A 117 -1.36 4.04 -13.73
CA ILE A 117 -2.50 4.10 -14.64
C ILE A 117 -3.64 3.34 -13.95
N SER A 118 -4.63 4.06 -13.45
CA SER A 118 -5.72 3.42 -12.72
C SER A 118 -7.10 3.42 -13.38
N TYR A 119 -7.85 2.35 -13.14
CA TYR A 119 -9.19 2.21 -13.68
C TYR A 119 -10.17 1.67 -12.65
N HIS A 120 -11.40 1.49 -13.10
CA HIS A 120 -12.50 0.96 -12.29
C HIS A 120 -13.11 -0.18 -13.10
N LEU A 121 -13.29 -1.33 -12.48
CA LEU A 121 -13.88 -2.46 -13.16
C LEU A 121 -15.40 -2.35 -13.09
N ASP A 122 -16.05 -2.62 -14.21
CA ASP A 122 -17.51 -2.56 -14.28
C ASP A 122 -18.14 -3.58 -13.33
N PRO A 123 -18.97 -3.11 -12.40
CA PRO A 123 -19.66 -3.97 -11.42
C PRO A 123 -20.32 -5.20 -12.06
N GLN A 124 -20.70 -5.05 -13.32
CA GLN A 124 -21.36 -6.14 -14.04
C GLN A 124 -20.41 -6.94 -14.91
N ALA A 125 -19.15 -6.53 -14.93
CA ALA A 125 -18.16 -7.22 -15.74
C ALA A 125 -17.60 -8.42 -15.00
N CYS A 126 -17.16 -9.42 -15.74
CA CYS A 126 -16.60 -10.61 -15.13
C CYS A 126 -15.13 -10.36 -14.74
N PRO A 127 -14.82 -10.49 -13.43
CA PRO A 127 -13.47 -10.28 -12.90
C PRO A 127 -12.36 -10.96 -13.70
N THR A 128 -12.65 -12.10 -14.29
CA THR A 128 -11.64 -12.81 -15.08
C THR A 128 -11.03 -11.92 -16.14
N VAL A 129 -11.68 -10.80 -16.45
CA VAL A 129 -11.15 -9.88 -17.44
C VAL A 129 -9.79 -9.36 -16.96
N ILE A 130 -9.65 -9.18 -15.65
CA ILE A 130 -8.40 -8.70 -15.07
C ILE A 130 -7.26 -9.64 -15.46
N ASP A 131 -7.55 -10.94 -15.45
CA ASP A 131 -6.56 -11.93 -15.81
C ASP A 131 -6.12 -11.68 -17.25
N GLN A 132 -7.11 -11.47 -18.13
CA GLN A 132 -6.87 -11.23 -19.54
C GLN A 132 -6.00 -9.98 -19.70
N LEU A 133 -6.35 -8.93 -18.97
CA LEU A 133 -5.59 -7.69 -19.02
C LEU A 133 -4.13 -7.94 -18.63
N THR A 134 -3.93 -8.53 -17.45
CA THR A 134 -2.58 -8.83 -16.96
C THR A 134 -1.75 -9.54 -18.01
N GLU A 135 -2.24 -10.68 -18.46
CA GLU A 135 -1.56 -11.48 -19.48
C GLU A 135 -1.20 -10.64 -20.70
N MET A 136 -2.17 -9.87 -21.18
CA MET A 136 -1.94 -9.05 -22.35
C MET A 136 -0.84 -8.03 -22.10
N LEU A 137 -0.86 -7.40 -20.92
CA LEU A 137 0.12 -6.39 -20.58
C LEU A 137 1.51 -7.01 -20.39
N LYS A 138 1.58 -8.11 -19.68
CA LYS A 138 2.84 -8.80 -19.43
C LYS A 138 3.55 -9.13 -20.74
N GLU A 139 2.78 -9.55 -21.74
CA GLU A 139 3.35 -9.92 -23.03
C GLU A 139 4.02 -8.79 -23.79
N THR A 140 3.77 -7.54 -23.37
CA THR A 140 4.37 -6.40 -24.04
C THR A 140 5.87 -6.39 -23.76
N GLY A 141 6.25 -7.01 -22.63
CA GLY A 141 7.65 -7.05 -22.27
C GLY A 141 8.01 -5.88 -21.36
N ILE A 142 7.04 -4.99 -21.20
CA ILE A 142 7.21 -3.81 -20.35
C ILE A 142 6.99 -4.25 -18.90
N PRO A 143 7.98 -4.03 -18.03
CA PRO A 143 7.85 -4.43 -16.61
C PRO A 143 6.62 -3.82 -15.92
N VAL A 144 5.45 -4.41 -16.18
CA VAL A 144 4.22 -3.89 -15.61
C VAL A 144 3.65 -4.77 -14.50
N GLN A 145 2.90 -4.13 -13.61
CA GLN A 145 2.30 -4.79 -12.45
C GLN A 145 0.82 -4.42 -12.34
N VAL A 146 -0.04 -5.43 -12.25
CA VAL A 146 -1.47 -5.19 -12.16
C VAL A 146 -2.01 -5.38 -10.74
N ILE A 147 -2.54 -4.32 -10.16
CA ILE A 147 -3.08 -4.40 -8.81
C ILE A 147 -4.59 -4.23 -8.84
N PHE A 148 -5.29 -5.21 -8.28
CA PHE A 148 -6.75 -5.22 -8.24
C PHE A 148 -7.23 -5.31 -6.80
N SER A 149 -7.98 -4.30 -6.35
CA SER A 149 -8.44 -4.30 -4.97
C SER A 149 -9.91 -3.91 -4.85
N SER A 150 -10.57 -4.49 -3.84
CA SER A 150 -11.98 -4.24 -3.59
C SER A 150 -12.83 -4.66 -4.77
N GLY A 151 -12.33 -5.63 -5.53
CA GLY A 151 -13.05 -6.12 -6.69
C GLY A 151 -13.52 -5.00 -7.58
N LYS A 152 -12.80 -3.87 -7.55
CA LYS A 152 -13.19 -2.71 -8.36
C LYS A 152 -12.01 -1.85 -8.87
N ASP A 153 -11.02 -1.60 -8.02
CA ASP A 153 -9.89 -0.77 -8.40
C ASP A 153 -8.75 -1.50 -9.10
N VAL A 154 -8.31 -0.96 -10.23
CA VAL A 154 -7.22 -1.55 -11.01
C VAL A 154 -6.07 -0.55 -11.17
N ASP A 155 -4.86 -0.97 -10.81
CA ASP A 155 -3.71 -0.08 -10.92
C ASP A 155 -2.61 -0.72 -11.76
N LEU A 156 -2.10 0.05 -12.71
CA LEU A 156 -1.02 -0.41 -13.57
C LEU A 156 0.23 0.32 -13.09
N LEU A 157 1.13 -0.41 -12.44
CA LEU A 157 2.35 0.18 -11.91
C LEU A 157 3.58 -0.52 -12.44
N PRO A 158 4.76 0.12 -12.32
CA PRO A 158 5.98 -0.50 -12.80
C PRO A 158 6.22 -1.70 -11.89
N GLN A 159 6.95 -2.69 -12.38
CA GLN A 159 7.22 -3.86 -11.58
C GLN A 159 8.04 -3.50 -10.34
N ARG A 160 8.86 -2.46 -10.47
CA ARG A 160 9.71 -2.02 -9.36
C ARG A 160 8.90 -1.25 -8.32
N SER A 161 7.74 -0.74 -8.71
CA SER A 161 6.89 -0.01 -7.77
C SER A 161 6.21 -1.06 -6.93
N ASN A 162 5.26 -0.64 -6.08
CA ASN A 162 4.53 -1.54 -5.19
C ASN A 162 4.63 -0.95 -3.79
N LYS A 163 3.70 -1.29 -2.91
CA LYS A 163 3.80 -0.78 -1.54
C LYS A 163 4.95 -1.54 -0.89
N GLY A 164 5.10 -2.81 -1.30
CA GLY A 164 6.14 -3.65 -0.75
C GLY A 164 7.53 -3.26 -1.25
N ASN A 165 7.66 -3.03 -2.55
CA ASN A 165 8.97 -2.66 -3.08
C ASN A 165 9.40 -1.31 -2.49
N ALA A 166 8.44 -0.43 -2.30
CA ALA A 166 8.71 0.88 -1.72
C ALA A 166 9.15 0.65 -0.27
N THR A 167 8.45 -0.25 0.42
CA THR A 167 8.76 -0.58 1.81
C THR A 167 10.20 -1.08 1.91
N GLN A 168 10.55 -2.05 1.07
CA GLN A 168 11.90 -2.61 1.06
C GLN A 168 12.94 -1.51 0.82
N TYR A 169 12.61 -0.62 -0.11
CA TYR A 169 13.47 0.50 -0.45
C TYR A 169 13.71 1.32 0.81
N LEU A 170 12.62 1.60 1.52
CA LEU A 170 12.66 2.37 2.74
C LEU A 170 13.50 1.70 3.81
N GLN A 171 13.37 0.37 3.93
CA GLN A 171 14.13 -0.38 4.92
C GLN A 171 15.62 -0.23 4.64
N GLN A 172 15.96 -0.18 3.36
CA GLN A 172 17.34 -0.02 2.93
C GLN A 172 17.82 1.37 3.34
N HIS A 173 17.00 2.36 3.02
CA HIS A 173 17.30 3.76 3.32
C HIS A 173 17.53 3.99 4.82
N LEU A 174 16.62 3.47 5.65
CA LEU A 174 16.68 3.63 7.10
C LEU A 174 17.56 2.60 7.79
N ALA A 175 18.02 1.59 7.05
CA ALA A 175 18.85 0.53 7.62
C ALA A 175 18.06 -0.26 8.66
N MET A 176 16.78 -0.47 8.37
CA MET A 176 15.90 -1.22 9.27
C MET A 176 15.77 -2.66 8.79
N GLU A 177 15.60 -3.58 9.73
CA GLU A 177 15.46 -4.99 9.39
C GLU A 177 14.02 -5.44 9.24
N PRO A 178 13.79 -6.51 8.46
CA PRO A 178 12.43 -7.01 8.26
C PRO A 178 11.81 -7.40 9.59
N SER A 179 12.63 -7.92 10.50
CA SER A 179 12.14 -8.33 11.81
C SER A 179 11.76 -7.14 12.67
N GLN A 180 12.21 -5.95 12.26
CA GLN A 180 11.92 -4.70 12.98
C GLN A 180 10.83 -3.93 12.23
N THR A 181 10.30 -4.52 11.16
CA THR A 181 9.27 -3.86 10.36
C THR A 181 7.90 -4.50 10.48
N LEU A 182 6.87 -3.67 10.62
CA LEU A 182 5.49 -4.13 10.70
C LEU A 182 4.66 -3.47 9.62
N VAL A 183 4.05 -4.27 8.75
CA VAL A 183 3.20 -3.74 7.69
C VAL A 183 1.76 -4.07 8.00
N CYS A 184 0.87 -3.12 7.73
CA CYS A 184 -0.55 -3.29 8.02
C CYS A 184 -1.36 -2.99 6.76
N GLY A 185 -2.29 -3.88 6.42
CA GLY A 185 -3.08 -3.69 5.22
C GLY A 185 -4.50 -4.21 5.32
N ASP A 186 -5.30 -3.94 4.29
CA ASP A 186 -6.70 -4.37 4.26
C ASP A 186 -7.19 -4.84 2.90
N SER A 187 -6.46 -4.52 1.83
CA SER A 187 -6.90 -4.91 0.50
C SER A 187 -5.83 -5.48 -0.43
N GLY A 188 -6.16 -5.53 -1.71
CA GLY A 188 -5.27 -6.07 -2.71
C GLY A 188 -4.08 -5.20 -3.02
N ASN A 189 -4.19 -3.90 -2.77
CA ASN A 189 -3.07 -3.00 -3.04
C ASN A 189 -2.10 -3.04 -1.87
N ASP A 190 -2.37 -3.93 -0.92
CA ASP A 190 -1.52 -4.11 0.25
C ASP A 190 -0.79 -5.44 0.19
N ILE A 191 -1.16 -6.28 -0.76
CA ILE A 191 -0.53 -7.58 -0.93
C ILE A 191 0.98 -7.46 -1.05
N GLY A 192 1.45 -6.47 -1.81
CA GLY A 192 2.87 -6.29 -1.95
C GLY A 192 3.56 -6.15 -0.61
N LEU A 193 2.85 -5.61 0.37
CA LEU A 193 3.42 -5.44 1.70
C LEU A 193 3.71 -6.79 2.36
N PHE A 194 2.76 -7.71 2.27
CA PHE A 194 2.92 -9.03 2.88
C PHE A 194 3.81 -9.95 2.07
N GLU A 195 4.12 -9.55 0.85
CA GLU A 195 5.02 -10.32 0.00
C GLU A 195 6.41 -10.08 0.58
N THR A 196 6.52 -8.95 1.28
CA THR A 196 7.76 -8.54 1.93
C THR A 196 8.03 -9.49 3.10
N SER A 197 9.27 -9.57 3.56
CA SER A 197 9.57 -10.46 4.66
C SER A 197 9.38 -9.80 6.04
N ALA A 198 8.73 -8.64 6.06
CA ALA A 198 8.49 -7.95 7.32
C ALA A 198 7.35 -8.61 8.07
N ARG A 199 7.19 -8.23 9.32
CA ARG A 199 6.12 -8.75 10.15
C ARG A 199 4.89 -8.00 9.65
N GLY A 200 3.81 -8.72 9.39
CA GLY A 200 2.62 -8.05 8.91
C GLY A 200 1.33 -8.43 9.61
N VAL A 201 0.37 -7.51 9.57
CA VAL A 201 -0.93 -7.74 10.18
C VAL A 201 -2.03 -7.42 9.18
N ILE A 202 -3.04 -8.28 9.16
CA ILE A 202 -4.19 -8.11 8.28
C ILE A 202 -5.39 -7.78 9.17
N VAL A 203 -6.01 -6.64 8.91
CA VAL A 203 -7.16 -6.22 9.70
C VAL A 203 -8.36 -7.13 9.50
N ARG A 204 -9.24 -7.21 10.50
CA ARG A 204 -10.42 -8.06 10.36
C ARG A 204 -11.34 -7.62 9.24
N ASN A 205 -11.46 -6.30 9.05
CA ASN A 205 -12.31 -5.74 8.01
C ASN A 205 -11.65 -5.82 6.63
N ALA A 206 -10.68 -6.74 6.51
CA ALA A 206 -9.94 -6.92 5.27
C ALA A 206 -10.79 -7.40 4.10
N GLN A 207 -10.40 -6.98 2.90
CA GLN A 207 -11.10 -7.33 1.69
C GLN A 207 -10.84 -8.79 1.28
N PRO A 208 -11.84 -9.42 0.65
CA PRO A 208 -11.80 -10.81 0.19
C PRO A 208 -10.48 -11.21 -0.45
N GLU A 209 -10.05 -10.42 -1.42
CA GLU A 209 -8.82 -10.68 -2.15
C GLU A 209 -7.62 -10.85 -1.22
N LEU A 210 -7.49 -9.99 -0.22
CA LEU A 210 -6.37 -10.10 0.69
C LEU A 210 -6.50 -11.37 1.54
N LEU A 211 -7.70 -11.62 2.05
CA LEU A 211 -7.93 -12.82 2.84
C LEU A 211 -7.55 -14.04 2.01
N HIS A 212 -8.05 -14.08 0.78
CA HIS A 212 -7.73 -15.20 -0.11
C HIS A 212 -6.22 -15.37 -0.22
N TRP A 213 -5.51 -14.25 -0.33
CA TRP A 213 -4.07 -14.27 -0.43
C TRP A 213 -3.48 -14.93 0.82
N TYR A 214 -4.00 -14.57 1.98
CA TYR A 214 -3.53 -15.10 3.25
C TYR A 214 -3.73 -16.61 3.36
N ASP A 215 -4.85 -17.12 2.85
CA ASP A 215 -5.11 -18.55 2.94
C ASP A 215 -4.10 -19.36 2.15
N GLN A 216 -3.49 -18.73 1.14
CA GLN A 216 -2.51 -19.41 0.31
C GLN A 216 -1.06 -19.10 0.60
N TRP A 217 -0.76 -17.84 0.92
CA TRP A 217 0.61 -17.46 1.19
C TRP A 217 0.86 -17.13 2.65
N GLY A 218 -0.22 -16.88 3.39
CA GLY A 218 -0.08 -16.55 4.80
C GLY A 218 1.01 -17.36 5.45
N ASP A 219 2.06 -16.68 5.90
CA ASP A 219 3.20 -17.32 6.54
C ASP A 219 3.15 -17.02 8.04
N SER A 220 4.15 -17.49 8.79
CA SER A 220 4.15 -17.26 10.23
C SER A 220 4.41 -15.83 10.64
N ARG A 221 4.94 -15.02 9.73
CA ARG A 221 5.21 -13.62 10.02
C ARG A 221 3.95 -12.79 9.78
N HIS A 222 2.91 -13.45 9.28
CA HIS A 222 1.64 -12.80 8.99
C HIS A 222 0.59 -13.10 10.05
N TYR A 223 0.05 -12.06 10.65
CA TYR A 223 -0.95 -12.19 11.71
C TYR A 223 -2.31 -11.68 11.27
N ARG A 224 -3.34 -12.50 11.49
CA ARG A 224 -4.71 -12.11 11.16
C ARG A 224 -5.37 -11.59 12.43
N ALA A 225 -5.45 -10.27 12.55
CA ALA A 225 -6.01 -9.65 13.75
C ALA A 225 -7.49 -9.95 13.99
N GLN A 226 -7.91 -9.79 15.24
CA GLN A 226 -9.29 -9.98 15.66
C GLN A 226 -9.98 -8.62 15.56
N SER A 227 -9.17 -7.57 15.66
CA SER A 227 -9.68 -6.22 15.60
C SER A 227 -9.71 -5.69 14.19
N SER A 228 -10.48 -4.62 13.98
CA SER A 228 -10.57 -4.01 12.67
C SER A 228 -9.91 -2.64 12.77
N HIS A 229 -9.63 -2.03 11.62
CA HIS A 229 -9.00 -0.72 11.56
C HIS A 229 -7.79 -0.56 12.48
N ALA A 230 -7.59 0.63 13.03
CA ALA A 230 -6.45 0.90 13.90
C ALA A 230 -6.27 -0.10 15.06
N GLY A 231 -7.36 -0.66 15.56
CA GLY A 231 -7.28 -1.61 16.66
C GLY A 231 -6.43 -2.82 16.33
N ALA A 232 -6.43 -3.20 15.06
CA ALA A 232 -5.65 -4.33 14.59
C ALA A 232 -4.16 -4.04 14.74
N ILE A 233 -3.79 -2.75 14.64
CA ILE A 233 -2.39 -2.35 14.75
C ILE A 233 -1.85 -2.43 16.19
N LEU A 234 -2.67 -2.03 17.16
CA LEU A 234 -2.24 -2.12 18.55
C LEU A 234 -2.12 -3.61 18.84
N GLU A 235 -3.12 -4.35 18.37
CA GLU A 235 -3.17 -5.78 18.57
C GLU A 235 -1.91 -6.43 18.01
N ALA A 236 -1.50 -6.03 16.81
CA ALA A 236 -0.31 -6.60 16.18
C ALA A 236 0.97 -6.22 16.94
N ILE A 237 1.04 -4.97 17.40
CA ILE A 237 2.21 -4.50 18.12
C ILE A 237 2.40 -5.30 19.41
N ALA A 238 1.29 -5.70 20.02
CA ALA A 238 1.34 -6.49 21.24
C ALA A 238 1.70 -7.91 20.88
N HIS A 239 1.23 -8.36 19.71
CA HIS A 239 1.50 -9.70 19.22
C HIS A 239 2.97 -9.98 18.96
N PHE A 240 3.59 -9.19 18.09
CA PHE A 240 4.99 -9.38 17.75
C PHE A 240 5.93 -8.83 18.81
N ASP A 241 5.36 -8.33 19.90
CA ASP A 241 6.13 -7.78 21.01
C ASP A 241 7.05 -6.64 20.56
N PHE A 242 6.50 -5.69 19.79
CA PHE A 242 7.26 -4.54 19.33
C PHE A 242 7.17 -3.45 20.38
N LEU A 243 8.15 -2.55 20.39
CA LEU A 243 8.16 -1.46 21.36
C LEU A 243 8.15 -2.08 22.77
N SER A 244 8.90 -3.17 22.89
CA SER A 244 9.03 -3.95 24.13
C SER A 244 8.96 -3.10 25.39
MG MG B . -5.75 -0.74 1.11
#